data_5XS2
#
_entry.id   5XS2
#
_cell.length_a   69.802
_cell.length_b   76.173
_cell.length_c   166.419
_cell.angle_alpha   90.00
_cell.angle_beta   90.00
_cell.angle_gamma   90.00
#
_symmetry.space_group_name_H-M   'P 21 21 21'
#
loop_
_entity.id
_entity.type
_entity.pdbx_description
1 polymer 'Cyclin-dependent kinase 8'
2 polymer Cyclin-C
3 non-polymer GLYCEROL
4 non-polymer 3-chloranyl-4-pyridin-4-yl-1H-pyrrole-2-carboxamide
5 water water
#
loop_
_entity_poly.entity_id
_entity_poly.type
_entity_poly.pdbx_seq_one_letter_code
_entity_poly.pdbx_strand_id
1 'polypeptide(L)'
;GAMGSHMEFMDYDFKVKLSSERERVEDLFEYEGCKVGRGTYGHVYKAKRKDGKDDKDYALKQIEGTGISMSACREIALLR
ELKHPNVISLQKVFLSHADRKVWLLFDYAEHDLWHIIKFHRASKANKKPVQLPRGMVKSLLYQILDGIHYLHANWVLHRD
LKPANILVMGEGPERGRVKIADMGFARLFNSPLKPLADLDPVVVTFWYRAPELLLGARHYTKAIDIWAIGCIFAELLTSE
PIFHCRQEDIKTSNPYHHDQLDRIFNVMGFPADKDWEDIKKMPEHSTLMKDFRRNTYTNCSLIKYMEKHKVKPDSKAFHL
LQKLLTMDPIKRITSEQAMQDPYFLEDPLPTSDVFAGCQIPYPKREFLTEEEPDDKGDKK
;
A
2 'polypeptide(L)'
;AGNFWQSSHYLQWILDKQDLLKERQKDLKFLSEEEYWKLQIFFTNVIQALGEHLKLRQQVIATATVYFKRFYARYSLKSI
DPVLMAPTCVFLASKVEEFGVVSNTRLIAAATSVLKTRFSYAFPKEFPYRMNHILECEFYLLELMDCCLIVYHPYRPLLQ
YVQDMGQEDMLLPLAWRIVNDTYRTDLCLLYPPFMIALACLHVACVVQQKDARQWFAELSVDMEKILEIIRVILKLYEQW
KNFDERKEMATILSKMPKPKPPP
;
B
#
# COMPACT_ATOMS: atom_id res chain seq x y z
N MET A 7 10.71 -31.87 -6.82
CA MET A 7 10.25 -30.82 -7.76
C MET A 7 11.29 -29.72 -7.95
N GLU A 8 11.81 -29.58 -9.16
CA GLU A 8 12.76 -28.52 -9.50
C GLU A 8 12.15 -27.51 -10.48
N PHE A 9 11.41 -26.53 -9.96
CA PHE A 9 10.72 -25.56 -10.82
C PHE A 9 11.60 -24.49 -11.50
N MET A 10 12.84 -24.32 -11.04
CA MET A 10 13.68 -23.26 -11.54
C MET A 10 14.85 -23.80 -12.35
N ASP A 11 15.14 -23.18 -13.49
CA ASP A 11 16.33 -23.50 -14.27
C ASP A 11 17.60 -23.43 -13.40
N TYR A 12 18.40 -24.50 -13.44
CA TYR A 12 19.62 -24.57 -12.63
C TYR A 12 20.56 -23.39 -12.81
N ASP A 13 20.93 -23.08 -14.05
CA ASP A 13 21.83 -21.95 -14.38
C ASP A 13 21.27 -20.61 -13.90
N PHE A 14 19.96 -20.41 -14.04
CA PHE A 14 19.29 -19.20 -13.54
C PHE A 14 19.43 -19.13 -12.03
N LYS A 15 19.19 -20.25 -11.37
CA LYS A 15 19.21 -20.33 -9.92
C LYS A 15 20.57 -20.03 -9.33
N VAL A 16 21.61 -20.63 -9.90
CA VAL A 16 22.97 -20.39 -9.40
C VAL A 16 23.43 -18.95 -9.63
N LYS A 17 23.09 -18.40 -10.80
CA LYS A 17 23.41 -17.01 -11.09
C LYS A 17 22.70 -16.04 -10.09
N LEU A 18 21.41 -16.28 -9.82
CA LEU A 18 20.67 -15.43 -8.88
C LEU A 18 21.29 -15.45 -7.53
N SER A 19 21.60 -16.65 -7.07
CA SER A 19 22.17 -16.85 -5.75
C SER A 19 23.57 -16.21 -5.64
N SER A 20 24.39 -16.40 -6.67
CA SER A 20 25.68 -15.72 -6.76
C SER A 20 25.60 -14.20 -6.62
N GLU A 21 24.65 -13.56 -7.29
CA GLU A 21 24.60 -12.10 -7.36
C GLU A 21 23.68 -11.42 -6.34
N ARG A 22 22.90 -12.21 -5.61
CA ARG A 22 21.89 -11.69 -4.69
C ARG A 22 22.55 -10.84 -3.59
N GLU A 23 22.02 -9.64 -3.39
CA GLU A 23 22.44 -8.82 -2.27
C GLU A 23 21.86 -9.34 -0.97
N ARG A 24 22.74 -9.63 -0.03
CA ARG A 24 22.35 -10.22 1.25
C ARG A 24 22.55 -9.21 2.38
N VAL A 25 21.50 -9.03 3.19
CA VAL A 25 21.55 -8.00 4.25
C VAL A 25 22.72 -8.16 5.22
N GLU A 26 23.04 -9.40 5.58
CA GLU A 26 24.11 -9.67 6.54
C GLU A 26 25.50 -9.51 5.96
N ASP A 27 25.61 -9.46 4.63
CA ASP A 27 26.88 -9.22 3.95
C ASP A 27 27.09 -7.75 3.80
N LEU A 28 26.01 -7.01 3.65
CA LEU A 28 26.13 -5.58 3.37
C LEU A 28 26.11 -4.71 4.62
N PHE A 29 25.46 -5.17 5.68
CA PHE A 29 25.28 -4.34 6.87
C PHE A 29 25.70 -5.02 8.14
N GLU A 30 26.24 -4.23 9.07
CA GLU A 30 26.58 -4.70 10.40
C GLU A 30 25.46 -4.22 11.33
N TYR A 31 24.77 -5.16 11.97
CA TYR A 31 23.63 -4.80 12.83
C TYR A 31 23.48 -5.70 14.03
N GLU A 32 24.37 -6.70 14.20
CA GLU A 32 24.16 -7.64 15.31
C GLU A 32 24.34 -6.92 16.64
N GLY A 33 23.40 -7.15 17.56
CA GLY A 33 23.35 -6.44 18.83
C GLY A 33 23.06 -4.95 18.69
N CYS A 34 22.50 -4.53 17.55
CA CYS A 34 22.20 -3.11 17.31
C CYS A 34 20.69 -2.81 17.21
N LYS A 35 19.87 -3.69 17.80
CA LYS A 35 18.42 -3.47 17.83
C LYS A 35 18.04 -2.21 18.60
N VAL A 36 17.16 -1.38 18.01
CA VAL A 36 16.74 -0.14 18.71
C VAL A 36 15.22 -0.05 18.89
N GLY A 37 14.46 -0.88 18.20
CA GLY A 37 13.04 -0.96 18.47
C GLY A 37 12.50 -2.35 18.25
N ARG A 38 11.41 -2.66 18.96
CA ARG A 38 10.58 -3.85 18.71
C ARG A 38 9.09 -3.49 18.76
N GLY A 39 8.23 -4.23 18.04
CA GLY A 39 6.80 -3.91 18.02
C GLY A 39 6.10 -5.00 17.29
N THR A 40 4.78 -4.85 17.13
CA THR A 40 4.01 -5.80 16.31
C THR A 40 4.52 -5.82 14.86
N TYR A 41 5.13 -4.72 14.40
CA TYR A 41 5.74 -4.62 13.03
C TYR A 41 6.96 -5.52 12.80
N GLY A 42 7.68 -5.83 13.88
CA GLY A 42 8.96 -6.59 13.82
C GLY A 42 10.00 -5.87 14.67
N HIS A 43 11.23 -5.74 14.14
CA HIS A 43 12.36 -5.13 14.81
C HIS A 43 13.03 -4.11 13.94
N VAL A 44 13.56 -3.07 14.56
CA VAL A 44 14.37 -2.08 13.88
C VAL A 44 15.78 -2.08 14.46
N TYR A 45 16.78 -2.10 13.56
CA TYR A 45 18.19 -2.08 13.92
C TYR A 45 18.83 -0.83 13.37
N LYS A 46 19.77 -0.26 14.13
CA LYS A 46 20.66 0.78 13.63
C LYS A 46 21.87 0.06 13.06
N ALA A 47 22.15 0.30 11.77
CA ALA A 47 23.15 -0.50 11.05
C ALA A 47 24.20 0.37 10.33
N LYS A 48 25.38 -0.18 10.10
CA LYS A 48 26.39 0.49 9.28
C LYS A 48 26.76 -0.39 8.07
N ARG A 49 27.09 0.24 6.94
CA ARG A 49 27.61 -0.46 5.76
C ARG A 49 28.88 -1.24 6.11
N LYS A 50 28.93 -2.52 5.73
CA LYS A 50 30.15 -3.31 5.98
C LYS A 50 31.31 -2.95 5.07
N ASP A 51 31.02 -2.48 3.86
CA ASP A 51 32.07 -1.85 3.05
C ASP A 51 32.29 -0.48 3.67
N GLY A 52 33.45 0.12 3.45
CA GLY A 52 33.69 1.45 4.04
C GLY A 52 33.12 2.59 3.23
N LYS A 53 32.34 2.27 2.20
CA LYS A 53 31.97 3.23 1.14
C LYS A 53 31.20 4.47 1.60
N ASP A 54 30.50 4.39 2.74
CA ASP A 54 29.97 5.60 3.39
C ASP A 54 29.86 5.39 4.90
N ASP A 55 29.69 6.50 5.61
CA ASP A 55 29.72 6.50 7.07
C ASP A 55 28.34 6.72 7.72
N LYS A 56 27.28 6.73 6.90
CA LYS A 56 25.93 7.00 7.40
C LYS A 56 25.43 5.90 8.32
N ASP A 57 24.49 6.25 9.19
CA ASP A 57 23.69 5.29 9.94
C ASP A 57 22.47 4.92 9.11
N TYR A 58 22.09 3.64 9.11
CA TYR A 58 20.90 3.19 8.41
C TYR A 58 19.98 2.53 9.42
N ALA A 59 18.68 2.52 9.11
CA ALA A 59 17.74 1.66 9.84
C ALA A 59 17.40 0.44 9.01
N LEU A 60 17.45 -0.72 9.66
CA LEU A 60 16.99 -1.96 9.05
C LEU A 60 15.76 -2.47 9.77
N LYS A 61 14.68 -2.64 9.02
CA LYS A 61 13.46 -3.14 9.61
C LYS A 61 13.29 -4.59 9.20
N GLN A 62 13.32 -5.48 10.19
CA GLN A 62 13.11 -6.90 9.99
C GLN A 62 11.64 -7.13 10.25
N ILE A 63 10.91 -7.50 9.21
CA ILE A 63 9.47 -7.55 9.27
C ILE A 63 9.02 -8.77 10.08
N GLU A 64 8.01 -8.54 10.93
CA GLU A 64 7.48 -9.63 11.76
C GLU A 64 7.02 -10.86 10.96
N GLY A 65 7.42 -12.05 11.39
CA GLY A 65 6.93 -13.28 10.78
C GLY A 65 7.67 -13.72 9.53
N THR A 66 7.13 -14.75 8.91
CA THR A 66 7.75 -15.41 7.78
C THR A 66 6.95 -15.01 6.55
N GLY A 67 7.62 -14.94 5.41
CA GLY A 67 6.96 -14.71 4.13
C GLY A 67 6.49 -13.28 3.96
N ILE A 68 5.50 -13.10 3.08
CA ILE A 68 4.94 -11.79 2.77
C ILE A 68 3.57 -11.72 3.39
N SER A 69 3.49 -11.23 4.63
CA SER A 69 2.24 -10.97 5.32
C SER A 69 1.50 -9.79 4.67
N MET A 70 0.27 -9.55 5.08
CA MET A 70 -0.46 -8.42 4.51
C MET A 70 0.21 -7.08 4.81
N SER A 71 0.75 -6.94 6.03
CA SER A 71 1.48 -5.72 6.44
C SER A 71 2.76 -5.51 5.68
N ALA A 72 3.50 -6.60 5.44
CA ALA A 72 4.71 -6.55 4.66
C ALA A 72 4.37 -6.14 3.23
N CYS A 73 3.34 -6.78 2.68
CA CYS A 73 2.97 -6.53 1.30
C CYS A 73 2.61 -5.05 1.03
N ARG A 74 1.70 -4.50 1.82
CA ARG A 74 1.28 -3.11 1.64
C ARG A 74 2.41 -2.12 1.95
N GLU A 75 3.27 -2.40 2.92
CA GLU A 75 4.39 -1.48 3.13
C GLU A 75 5.34 -1.43 1.93
N ILE A 76 5.72 -2.60 1.40
CA ILE A 76 6.58 -2.67 0.23
C ILE A 76 5.85 -2.03 -0.95
N ALA A 77 4.61 -2.44 -1.20
CA ALA A 77 3.89 -1.93 -2.39
C ALA A 77 3.83 -0.39 -2.39
N LEU A 78 3.46 0.20 -1.25
CA LEU A 78 3.22 1.65 -1.22
C LEU A 78 4.51 2.46 -1.16
N LEU A 79 5.39 2.11 -0.22
CA LEU A 79 6.66 2.83 -0.13
C LEU A 79 7.46 2.72 -1.43
N ARG A 80 7.26 1.63 -2.16
CA ARG A 80 7.87 1.51 -3.48
C ARG A 80 7.49 2.65 -4.45
N GLU A 81 6.26 3.16 -4.33
CA GLU A 81 5.74 4.22 -5.19
C GLU A 81 5.97 5.62 -4.66
N LEU A 82 5.94 5.79 -3.34
CA LEU A 82 5.84 7.14 -2.72
C LEU A 82 7.17 7.91 -2.62
N LYS A 83 7.09 9.23 -2.71
CA LYS A 83 8.31 10.05 -2.73
C LYS A 83 7.94 11.44 -2.25
N HIS A 84 8.36 11.77 -1.02
CA HIS A 84 8.07 13.07 -0.41
C HIS A 84 8.97 13.26 0.77
N PRO A 85 9.44 14.51 1.02
CA PRO A 85 10.38 14.74 2.14
C PRO A 85 9.87 14.37 3.54
N ASN A 86 8.55 14.26 3.72
CA ASN A 86 8.01 13.91 5.04
C ASN A 86 7.47 12.49 5.15
N VAL A 87 7.81 11.63 4.20
CA VAL A 87 7.42 10.21 4.28
C VAL A 87 8.70 9.41 4.20
N ILE A 88 8.89 8.46 5.11
CA ILE A 88 10.14 7.71 5.13
C ILE A 88 10.39 7.07 3.74
N SER A 89 11.62 7.14 3.22
CA SER A 89 11.91 6.62 1.87
C SER A 89 12.51 5.22 1.99
N LEU A 90 11.90 4.28 1.28
CA LEU A 90 12.39 2.90 1.23
C LEU A 90 13.59 2.84 0.30
N GLN A 91 14.75 2.47 0.82
CA GLN A 91 15.98 2.44 -0.03
C GLN A 91 16.17 1.11 -0.72
N LYS A 92 15.84 0.04 -0.03
CA LYS A 92 16.08 -1.32 -0.54
C LYS A 92 15.23 -2.31 0.21
N VAL A 93 14.91 -3.40 -0.47
CA VAL A 93 14.24 -4.53 0.14
C VAL A 93 15.19 -5.70 0.02
N PHE A 94 15.50 -6.33 1.15
CA PHE A 94 16.27 -7.56 1.09
C PHE A 94 15.37 -8.72 1.42
N LEU A 95 15.42 -9.74 0.56
CA LEU A 95 14.61 -10.93 0.76
C LEU A 95 15.55 -12.10 1.06
N SER A 96 15.40 -12.66 2.24
CA SER A 96 16.30 -13.70 2.72
C SER A 96 15.58 -15.03 2.52
N HIS A 97 16.01 -15.80 1.51
CA HIS A 97 15.23 -16.95 1.02
C HIS A 97 15.22 -18.17 1.93
N ALA A 98 16.31 -18.37 2.65
CA ALA A 98 16.45 -19.50 3.59
C ALA A 98 15.40 -19.47 4.71
N ASP A 99 15.30 -18.34 5.41
CA ASP A 99 14.32 -18.18 6.49
C ASP A 99 13.09 -17.39 6.05
N ARG A 100 13.06 -17.00 4.78
CA ARG A 100 11.92 -16.26 4.25
C ARG A 100 11.60 -15.01 5.09
N LYS A 101 12.66 -14.32 5.49
CA LYS A 101 12.57 -13.05 6.21
C LYS A 101 12.71 -11.85 5.25
N VAL A 102 11.94 -10.80 5.52
CA VAL A 102 11.95 -9.57 4.73
C VAL A 102 12.59 -8.46 5.56
N TRP A 103 13.53 -7.74 4.92
CA TRP A 103 14.20 -6.61 5.53
C TRP A 103 14.08 -5.37 4.69
N LEU A 104 13.74 -4.25 5.33
CA LEU A 104 13.62 -2.99 4.64
C LEU A 104 14.73 -2.04 5.10
N LEU A 105 15.31 -1.32 4.15
CA LEU A 105 16.40 -0.38 4.43
C LEU A 105 15.94 1.06 4.30
N PHE A 106 16.24 1.86 5.32
CA PHE A 106 15.90 3.27 5.38
C PHE A 106 17.09 4.06 5.91
N ASP A 107 17.11 5.36 5.63
CA ASP A 107 17.97 6.29 6.36
C ASP A 107 17.60 6.31 7.84
N TYR A 108 18.60 6.44 8.70
CA TYR A 108 18.38 6.33 10.12
C TYR A 108 17.83 7.65 10.70
N ALA A 109 16.74 7.57 11.45
CA ALA A 109 16.16 8.75 12.14
C ALA A 109 16.46 8.60 13.62
N GLU A 110 17.36 9.42 14.16
CA GLU A 110 17.71 9.34 15.59
C GLU A 110 16.52 9.53 16.54
N HIS A 111 15.55 10.34 16.11
CA HIS A 111 14.46 10.74 17.00
C HIS A 111 13.08 10.33 16.51
N ASP A 112 12.12 10.42 17.41
CA ASP A 112 10.69 10.30 17.05
C ASP A 112 9.88 10.95 18.16
N LEU A 113 8.60 11.16 17.90
CA LEU A 113 7.76 11.92 18.81
C LEU A 113 7.47 11.18 20.12
N TRP A 114 7.51 9.86 20.09
CA TRP A 114 7.26 9.10 21.30
C TRP A 114 8.34 9.42 22.32
N HIS A 115 9.60 9.43 21.85
CA HIS A 115 10.75 9.67 22.73
C HIS A 115 10.86 11.13 23.10
N ILE A 116 10.51 12.02 22.18
CA ILE A 116 10.53 13.46 22.45
C ILE A 116 9.51 13.85 23.52
N ILE A 117 8.28 13.38 23.36
CA ILE A 117 7.23 13.65 24.33
C ILE A 117 7.55 13.01 25.70
N LYS A 118 8.02 11.76 25.68
CA LYS A 118 8.46 11.10 26.92
C LYS A 118 9.49 11.95 27.68
N PHE A 119 10.49 12.47 26.96
CA PHE A 119 11.50 13.30 27.57
C PHE A 119 10.91 14.55 28.26
N HIS A 120 9.98 15.24 27.61
CA HIS A 120 9.33 16.36 28.30
C HIS A 120 8.41 15.94 29.41
N ARG A 121 7.69 14.84 29.24
CA ARG A 121 6.79 14.43 30.31
C ARG A 121 7.61 14.07 31.55
N ALA A 122 8.81 13.51 31.33
CA ALA A 122 9.70 13.10 32.42
C ALA A 122 10.20 14.30 33.21
N SER A 123 10.48 15.41 32.50
CA SER A 123 10.86 16.69 33.10
C SER A 123 9.80 17.23 34.07
N LYS A 124 8.56 17.30 33.59
CA LYS A 124 7.46 17.81 34.39
C LYS A 124 7.27 16.94 35.62
N ALA A 125 7.35 15.63 35.43
CA ALA A 125 7.22 14.64 36.51
C ALA A 125 8.42 14.66 37.49
N ASN A 126 9.48 15.36 37.11
CA ASN A 126 10.68 15.50 37.93
C ASN A 126 10.78 16.85 38.64
N LYS A 127 9.65 17.55 38.76
CA LYS A 127 9.63 18.91 39.31
C LYS A 127 10.80 19.75 38.74
N LYS A 128 11.31 19.31 37.58
CA LYS A 128 12.34 20.01 36.81
C LYS A 128 11.76 20.32 35.41
N PRO A 129 10.64 21.11 35.37
CA PRO A 129 9.73 21.07 34.21
C PRO A 129 10.24 21.76 32.94
N VAL A 130 10.05 21.09 31.80
CA VAL A 130 10.27 21.67 30.49
C VAL A 130 9.12 21.18 29.59
N GLN A 131 8.32 22.12 29.07
CA GLN A 131 7.37 21.85 27.99
C GLN A 131 8.14 21.87 26.65
N LEU A 132 7.56 21.24 25.63
CA LEU A 132 8.11 21.31 24.27
C LEU A 132 8.07 22.74 23.74
N PRO A 133 9.22 23.29 23.27
CA PRO A 133 9.19 24.65 22.67
C PRO A 133 8.08 24.84 21.61
N ARG A 134 7.43 26.00 21.64
CA ARG A 134 6.26 26.25 20.80
C ARG A 134 6.52 26.34 19.28
N GLY A 135 7.70 26.87 18.89
CA GLY A 135 8.21 26.83 17.49
C GLY A 135 8.44 25.40 16.97
N MET A 136 9.03 24.55 17.81
CA MET A 136 9.16 23.16 17.48
C MET A 136 7.80 22.48 17.33
N VAL A 137 6.87 22.73 18.25
CA VAL A 137 5.56 22.09 18.15
C VAL A 137 4.88 22.41 16.80
N LYS A 138 4.85 23.71 16.49
CA LYS A 138 4.25 24.18 15.23
C LYS A 138 4.94 23.59 14.00
N SER A 139 6.27 23.57 14.00
CA SER A 139 7.01 23.04 12.84
C SER A 139 6.74 21.56 12.65
N LEU A 140 6.60 20.83 13.75
CA LEU A 140 6.31 19.40 13.67
C LEU A 140 4.93 19.19 13.05
N LEU A 141 3.94 19.90 13.59
CA LEU A 141 2.57 19.79 13.09
C LEU A 141 2.50 20.07 11.59
N TYR A 142 3.17 21.14 11.16
CA TYR A 142 3.14 21.55 9.77
C TYR A 142 3.68 20.45 8.87
N GLN A 143 4.79 19.82 9.27
CA GLN A 143 5.40 18.77 8.47
C GLN A 143 4.61 17.47 8.52
N ILE A 144 3.96 17.18 9.65
CA ILE A 144 3.02 16.08 9.71
C ILE A 144 1.87 16.28 8.70
N LEU A 145 1.31 17.49 8.69
CA LEU A 145 0.23 17.81 7.80
C LEU A 145 0.69 17.76 6.34
N ASP A 146 1.89 18.27 6.08
CA ASP A 146 2.46 18.22 4.73
C ASP A 146 2.58 16.75 4.20
N GLY A 147 3.15 15.87 5.02
CA GLY A 147 3.29 14.45 4.68
C GLY A 147 1.95 13.75 4.48
N ILE A 148 0.99 13.95 5.40
CA ILE A 148 -0.30 13.29 5.26
C ILE A 148 -1.08 13.86 4.06
N HIS A 149 -0.89 15.15 3.76
CA HIS A 149 -1.55 15.74 2.59
C HIS A 149 -1.02 15.11 1.32
N TYR A 150 0.30 14.88 1.25
CA TYR A 150 0.89 14.14 0.13
C TYR A 150 0.36 12.69 0.06
N LEU A 151 0.34 11.99 1.20
CA LEU A 151 -0.23 10.64 1.21
C LEU A 151 -1.66 10.65 0.66
N HIS A 152 -2.49 11.55 1.19
CA HIS A 152 -3.90 11.63 0.79
C HIS A 152 -4.10 11.96 -0.66
N ALA A 153 -3.30 12.90 -1.16
CA ALA A 153 -3.29 13.27 -2.59
C ALA A 153 -2.99 12.08 -3.46
N ASN A 154 -2.18 11.13 -2.97
CA ASN A 154 -1.85 9.94 -3.72
C ASN A 154 -2.67 8.72 -3.36
N TRP A 155 -3.80 8.98 -2.69
CA TRP A 155 -4.88 7.99 -2.38
C TRP A 155 -4.52 7.04 -1.29
N VAL A 156 -3.51 7.36 -0.49
CA VAL A 156 -3.08 6.50 0.59
C VAL A 156 -3.56 7.04 1.96
N LEU A 157 -4.26 6.19 2.71
CA LEU A 157 -4.65 6.50 4.07
C LEU A 157 -3.65 5.76 4.96
N HIS A 158 -3.13 6.43 5.99
CA HIS A 158 -2.11 5.82 6.87
C HIS A 158 -2.69 4.83 7.85
N ARG A 159 -3.70 5.32 8.60
CA ARG A 159 -4.53 4.51 9.53
C ARG A 159 -3.83 4.11 10.82
N ASP A 160 -2.58 4.53 11.01
CA ASP A 160 -1.95 4.25 12.31
C ASP A 160 -1.08 5.39 12.81
N LEU A 161 -1.51 6.64 12.59
CA LEU A 161 -0.73 7.79 13.04
C LEU A 161 -0.69 7.88 14.57
N LYS A 162 0.52 8.03 15.10
CA LYS A 162 0.75 8.06 16.55
C LYS A 162 2.18 8.50 16.76
N PRO A 163 2.51 8.99 17.96
CA PRO A 163 3.86 9.53 18.16
C PRO A 163 5.04 8.61 17.73
N ALA A 164 4.96 7.31 18.02
CA ALA A 164 6.06 6.38 17.63
C ALA A 164 6.26 6.27 16.12
N ASN A 165 5.22 6.58 15.34
CA ASN A 165 5.29 6.57 13.88
C ASN A 165 5.69 7.90 13.24
N ILE A 166 5.95 8.90 14.07
CA ILE A 166 6.40 10.20 13.54
C ILE A 166 7.86 10.33 13.91
N LEU A 167 8.74 10.07 12.94
CA LEU A 167 10.20 10.12 13.18
C LEU A 167 10.70 11.52 12.91
N VAL A 168 11.83 11.88 13.53
CA VAL A 168 12.49 13.14 13.23
C VAL A 168 13.96 12.85 13.02
N MET A 169 14.48 13.31 11.89
CA MET A 169 15.89 13.15 11.55
C MET A 169 16.80 13.96 12.49
N GLY A 170 17.92 13.37 12.89
CA GLY A 170 18.91 14.05 13.76
C GLY A 170 20.01 14.72 12.96
N GLU A 171 21.14 14.99 13.61
CA GLU A 171 22.25 15.71 12.95
C GLU A 171 22.58 15.03 11.65
N GLY A 172 22.90 15.82 10.64
CA GLY A 172 23.12 15.32 9.29
C GLY A 172 22.39 16.19 8.31
N PRO A 173 22.37 15.78 7.04
CA PRO A 173 21.84 16.60 5.96
C PRO A 173 20.33 16.90 6.04
N GLU A 174 19.59 16.16 6.87
CA GLU A 174 18.14 16.37 6.98
C GLU A 174 17.73 16.73 8.41
N ARG A 175 18.64 17.37 9.12
CA ARG A 175 18.43 17.67 10.53
C ARG A 175 17.05 18.28 10.79
N GLY A 176 16.28 17.69 11.71
CA GLY A 176 14.99 18.26 12.09
C GLY A 176 13.85 18.05 11.09
N ARG A 177 14.04 17.16 10.12
CA ARG A 177 12.96 16.81 9.22
C ARG A 177 12.10 15.63 9.73
N VAL A 178 10.79 15.80 9.65
CA VAL A 178 9.81 14.77 10.06
C VAL A 178 9.71 13.69 9.00
N LYS A 179 9.69 12.43 9.41
CA LYS A 179 9.37 11.33 8.51
C LYS A 179 8.22 10.51 9.08
N ILE A 180 7.11 10.48 8.34
CA ILE A 180 6.03 9.59 8.70
C ILE A 180 6.46 8.17 8.33
N ALA A 181 6.32 7.26 9.29
CA ALA A 181 6.75 5.89 9.09
C ALA A 181 5.62 4.88 9.35
N ASP A 182 5.91 3.64 8.97
CA ASP A 182 5.08 2.45 9.17
C ASP A 182 3.79 2.44 8.37
N MET A 183 3.88 1.90 7.16
CA MET A 183 2.70 1.70 6.29
C MET A 183 1.96 0.38 6.56
N GLY A 184 2.26 -0.28 7.69
CA GLY A 184 1.68 -1.58 7.99
C GLY A 184 0.15 -1.67 8.04
N PHE A 185 -0.52 -0.54 8.28
CA PHE A 185 -2.00 -0.48 8.35
C PHE A 185 -2.60 0.26 7.17
N ALA A 186 -1.77 0.70 6.23
CA ALA A 186 -2.25 1.66 5.22
C ALA A 186 -3.26 1.05 4.23
N ARG A 187 -4.11 1.89 3.62
CA ARG A 187 -5.03 1.44 2.59
C ARG A 187 -5.15 2.52 1.51
N LEU A 188 -5.60 2.12 0.32
CA LEU A 188 -6.01 3.06 -0.71
C LEU A 188 -7.47 3.46 -0.46
N PHE A 189 -7.89 4.63 -0.95
CA PHE A 189 -9.31 5.05 -0.81
C PHE A 189 -10.28 3.95 -1.20
N ASN A 190 -9.98 3.32 -2.33
CA ASN A 190 -10.80 2.29 -2.96
C ASN A 190 -10.57 0.84 -2.49
N SER A 191 -9.75 0.63 -1.45
CA SER A 191 -9.51 -0.73 -0.94
C SER A 191 -10.82 -1.41 -0.48
N PRO A 192 -10.99 -2.70 -0.80
CA PRO A 192 -12.26 -3.34 -0.48
C PRO A 192 -12.47 -3.38 1.04
N LEU A 193 -13.73 -3.28 1.45
CA LEU A 193 -14.09 -3.48 2.85
C LEU A 193 -14.26 -4.98 3.08
N LYS A 194 -13.47 -5.52 4.01
CA LYS A 194 -13.54 -6.92 4.40
C LYS A 194 -14.60 -7.03 5.51
N PRO A 195 -15.73 -7.74 5.25
CA PRO A 195 -16.86 -7.89 6.20
C PRO A 195 -16.44 -8.31 7.61
N LEU A 196 -15.38 -9.09 7.75
CA LEU A 196 -14.90 -9.51 9.06
C LEU A 196 -13.75 -8.60 9.50
N ALA A 197 -12.84 -9.10 10.33
CA ALA A 197 -11.74 -8.28 10.83
C ALA A 197 -10.90 -7.60 9.72
N ASP A 198 -10.52 -6.34 9.96
CA ASP A 198 -9.48 -5.65 9.18
C ASP A 198 -8.19 -6.47 9.21
N LEU A 199 -7.58 -6.68 8.04
CA LEU A 199 -6.33 -7.46 7.92
C LEU A 199 -5.11 -6.64 8.35
N ASP A 200 -5.09 -6.29 9.65
CA ASP A 200 -4.07 -5.43 10.26
C ASP A 200 -3.41 -6.12 11.44
N PRO A 201 -2.23 -5.64 11.87
CA PRO A 201 -1.68 -6.15 13.15
C PRO A 201 -2.61 -5.87 14.36
N VAL A 202 -2.40 -6.58 15.47
CA VAL A 202 -3.28 -6.46 16.68
C VAL A 202 -3.11 -5.08 17.32
N VAL A 203 -4.22 -4.47 17.72
CA VAL A 203 -4.19 -3.16 18.41
C VAL A 203 -4.81 -3.31 19.80
N VAL A 204 -4.12 -2.84 20.83
CA VAL A 204 -4.63 -2.98 22.22
C VAL A 204 -4.95 -1.64 22.92
N THR A 205 -4.47 -0.54 22.36
CA THR A 205 -4.83 0.80 22.82
C THR A 205 -5.31 1.70 21.67
N PHE A 206 -6.28 2.52 21.98
CA PHE A 206 -7.06 3.15 20.96
C PHE A 206 -7.06 4.67 21.11
N TRP A 207 -6.02 5.20 21.73
CA TRP A 207 -5.94 6.63 22.07
C TRP A 207 -6.01 7.56 20.88
N TYR A 208 -5.64 7.06 19.69
CA TYR A 208 -5.59 7.92 18.49
C TYR A 208 -6.74 7.67 17.53
N ARG A 209 -7.69 6.84 17.96
CA ARG A 209 -8.73 6.32 17.07
C ARG A 209 -9.94 7.21 17.08
N ALA A 210 -10.35 7.67 15.91
CA ALA A 210 -11.49 8.58 15.78
C ALA A 210 -12.77 7.95 16.37
N PRO A 211 -13.65 8.80 16.95
CA PRO A 211 -14.90 8.31 17.57
C PRO A 211 -15.82 7.52 16.64
N GLU A 212 -15.83 7.84 15.35
CA GLU A 212 -16.71 7.09 14.43
C GLU A 212 -16.29 5.61 14.35
N LEU A 213 -14.99 5.37 14.46
CA LEU A 213 -14.45 4.00 14.47
C LEU A 213 -14.91 3.28 15.70
N LEU A 214 -14.86 3.98 16.84
CA LEU A 214 -15.28 3.40 18.12
C LEU A 214 -16.80 3.11 18.15
N LEU A 215 -17.52 3.72 17.23
CA LEU A 215 -18.98 3.52 17.12
C LEU A 215 -19.30 2.61 15.92
N GLY A 216 -18.25 1.96 15.40
CA GLY A 216 -18.36 0.89 14.41
C GLY A 216 -18.43 1.23 12.93
N ALA A 217 -18.16 2.48 12.55
CA ALA A 217 -18.08 2.88 11.12
C ALA A 217 -17.04 2.05 10.38
N ARG A 218 -17.37 1.54 9.20
CA ARG A 218 -16.46 0.60 8.51
C ARG A 218 -15.59 1.22 7.40
N HIS A 219 -15.84 2.47 7.06
CA HIS A 219 -15.13 3.13 5.95
C HIS A 219 -13.71 3.60 6.25
N TYR A 220 -12.85 3.59 5.23
CA TYR A 220 -11.51 4.17 5.35
C TYR A 220 -11.66 5.60 4.95
N THR A 221 -11.21 6.54 5.77
CA THR A 221 -11.39 7.94 5.43
C THR A 221 -10.16 8.78 5.71
N LYS A 222 -9.98 9.85 4.94
CA LYS A 222 -8.99 10.84 5.27
C LYS A 222 -9.22 11.44 6.68
N ALA A 223 -10.48 11.63 7.05
CA ALA A 223 -10.82 12.29 8.31
C ALA A 223 -10.32 11.48 9.50
N ILE A 224 -10.21 10.16 9.35
CA ILE A 224 -9.67 9.34 10.43
C ILE A 224 -8.20 9.69 10.78
N ASP A 225 -7.36 9.89 9.76
CA ASP A 225 -5.99 10.35 9.92
C ASP A 225 -5.94 11.75 10.53
N ILE A 226 -6.81 12.64 10.07
CA ILE A 226 -6.86 14.00 10.63
C ILE A 226 -7.13 14.01 12.16
N TRP A 227 -8.07 13.19 12.62
CA TRP A 227 -8.32 13.02 14.07
C TRP A 227 -7.09 12.61 14.84
N ALA A 228 -6.43 11.57 14.36
CA ALA A 228 -5.19 11.11 14.94
C ALA A 228 -4.13 12.23 15.00
N ILE A 229 -4.06 13.08 13.98
CA ILE A 229 -3.07 14.18 13.97
C ILE A 229 -3.47 15.23 15.01
N GLY A 230 -4.77 15.51 15.10
CA GLY A 230 -5.27 16.30 16.24
C GLY A 230 -4.82 15.77 17.61
N CYS A 231 -4.92 14.45 17.80
CA CYS A 231 -4.50 13.81 19.05
C CYS A 231 -3.01 14.09 19.33
N ILE A 232 -2.22 14.03 18.27
CA ILE A 232 -0.78 14.26 18.36
C ILE A 232 -0.45 15.71 18.69
N PHE A 233 -1.12 16.64 18.01
CA PHE A 233 -0.97 18.06 18.30
C PHE A 233 -1.26 18.33 19.81
N ALA A 234 -2.38 17.82 20.32
CA ALA A 234 -2.70 18.03 21.73
C ALA A 234 -1.57 17.52 22.62
N GLU A 235 -1.11 16.28 22.35
CA GLU A 235 -0.08 15.64 23.16
C GLU A 235 1.24 16.41 23.09
N LEU A 236 1.53 17.03 21.95
CA LEU A 236 2.72 17.89 21.83
C LEU A 236 2.55 19.17 22.65
N LEU A 237 1.35 19.75 22.65
CA LEU A 237 1.11 20.97 23.44
C LEU A 237 1.18 20.71 24.94
N THR A 238 0.74 19.53 25.40
CA THR A 238 0.63 19.28 26.85
C THR A 238 1.55 18.21 27.42
N SER A 239 2.22 17.46 26.56
CA SER A 239 2.99 16.26 26.97
C SER A 239 2.18 15.05 27.43
N GLU A 240 0.86 15.11 27.40
CA GLU A 240 0.02 13.98 27.82
C GLU A 240 -0.82 13.50 26.65
N PRO A 241 -0.97 12.17 26.50
CA PRO A 241 -1.92 11.68 25.52
C PRO A 241 -3.34 12.11 25.94
N ILE A 242 -4.01 12.88 25.08
CA ILE A 242 -5.27 13.52 25.46
C ILE A 242 -6.38 12.51 25.80
N PHE A 243 -6.45 11.43 25.04
CA PHE A 243 -7.46 10.40 25.27
C PHE A 243 -6.82 9.13 25.88
N HIS A 244 -5.83 9.31 26.76
CA HIS A 244 -5.22 8.17 27.45
C HIS A 244 -6.30 7.40 28.20
N CYS A 245 -6.19 6.08 28.15
CA CYS A 245 -7.20 5.17 28.62
C CYS A 245 -6.46 3.87 28.98
N ARG A 246 -6.88 3.16 30.01
CA ARG A 246 -6.28 1.83 30.29
C ARG A 246 -6.63 0.77 29.23
N GLN A 247 -5.78 -0.25 29.10
CA GLN A 247 -6.12 -1.43 28.29
C GLN A 247 -7.30 -2.16 28.88
N GLU A 248 -8.16 -2.72 28.03
CA GLU A 248 -9.28 -3.52 28.50
C GLU A 248 -8.74 -4.83 29.05
N ASP A 249 -9.39 -5.37 30.09
CA ASP A 249 -8.97 -6.65 30.67
C ASP A 249 -9.24 -7.79 29.71
N ILE A 250 -10.42 -7.75 29.08
CA ILE A 250 -10.84 -8.75 28.12
C ILE A 250 -10.82 -8.11 26.72
N LYS A 251 -9.81 -8.48 25.91
CA LYS A 251 -9.75 -8.07 24.50
C LYS A 251 -10.83 -8.75 23.68
N THR A 252 -11.51 -7.98 22.84
CA THR A 252 -12.29 -8.54 21.74
C THR A 252 -11.95 -7.74 20.48
N SER A 253 -12.21 -8.32 19.31
CA SER A 253 -11.91 -7.63 18.07
C SER A 253 -13.03 -6.71 17.57
N ASN A 254 -14.17 -6.68 18.26
CA ASN A 254 -15.25 -5.80 17.80
C ASN A 254 -14.91 -4.28 17.98
N PRO A 255 -15.56 -3.41 17.18
CA PRO A 255 -15.13 -1.99 17.16
C PRO A 255 -15.45 -1.16 18.43
N TYR A 256 -16.54 -1.49 19.12
CA TYR A 256 -16.98 -0.73 20.30
C TYR A 256 -16.07 -0.86 21.54
N HIS A 257 -15.55 0.27 22.03
CA HIS A 257 -14.70 0.25 23.21
C HIS A 257 -15.23 1.29 24.18
N HIS A 258 -15.95 0.80 25.19
CA HIS A 258 -16.66 1.66 26.14
C HIS A 258 -15.75 2.65 26.84
N ASP A 259 -14.66 2.16 27.44
CA ASP A 259 -13.83 3.03 28.29
C ASP A 259 -13.13 4.11 27.47
N GLN A 260 -12.67 3.75 26.28
CA GLN A 260 -12.11 4.73 25.37
C GLN A 260 -13.11 5.86 25.07
N LEU A 261 -14.36 5.49 24.77
CA LEU A 261 -15.39 6.51 24.52
C LEU A 261 -15.62 7.42 25.74
N ASP A 262 -15.71 6.79 26.91
CA ASP A 262 -15.88 7.52 28.16
C ASP A 262 -14.77 8.59 28.34
N ARG A 263 -13.52 8.21 28.10
CA ARG A 263 -12.43 9.19 28.17
C ARG A 263 -12.63 10.32 27.19
N ILE A 264 -13.00 9.99 25.96
CA ILE A 264 -13.24 11.01 24.95
C ILE A 264 -14.33 12.01 25.39
N PHE A 265 -15.45 11.49 25.89
CA PHE A 265 -16.53 12.38 26.34
C PHE A 265 -16.15 13.20 27.57
N ASN A 266 -15.30 12.64 28.43
CA ASN A 266 -14.77 13.37 29.57
C ASN A 266 -13.93 14.56 29.18
N VAL A 267 -13.25 14.46 28.03
CA VAL A 267 -12.46 15.57 27.51
C VAL A 267 -13.31 16.52 26.63
N MET A 268 -14.07 15.95 25.70
CA MET A 268 -14.68 16.74 24.64
C MET A 268 -16.10 17.18 24.98
N GLY A 269 -16.69 16.52 25.99
CA GLY A 269 -18.15 16.55 26.20
C GLY A 269 -18.84 15.54 25.33
N PHE A 270 -20.13 15.33 25.56
CA PHE A 270 -20.90 14.38 24.76
C PHE A 270 -21.56 15.16 23.63
N PRO A 271 -21.45 14.69 22.39
CA PRO A 271 -21.94 15.55 21.31
C PRO A 271 -23.47 15.75 21.35
N ALA A 272 -23.91 16.98 21.16
CA ALA A 272 -25.32 17.27 20.99
C ALA A 272 -25.77 16.83 19.59
N ASP A 273 -27.08 16.65 19.40
CA ASP A 273 -27.62 16.25 18.10
C ASP A 273 -27.13 17.12 16.94
N LYS A 274 -27.13 18.44 17.14
CA LYS A 274 -26.66 19.39 16.14
C LYS A 274 -25.15 19.28 15.85
N ASP A 275 -24.34 18.79 16.79
CA ASP A 275 -22.89 18.65 16.57
C ASP A 275 -22.57 17.48 15.63
N TRP A 276 -23.37 16.40 15.70
CA TRP A 276 -23.06 15.21 14.93
C TRP A 276 -24.31 14.48 14.56
N GLU A 277 -24.97 14.97 13.52
CA GLU A 277 -26.31 14.50 13.20
C GLU A 277 -26.35 13.03 12.84
N ASP A 278 -25.31 12.56 12.14
CA ASP A 278 -25.25 11.17 11.70
C ASP A 278 -24.78 10.22 12.76
N ILE A 279 -24.65 10.67 14.01
CA ILE A 279 -24.26 9.74 15.08
C ILE A 279 -25.30 8.60 15.17
N LYS A 280 -26.56 8.94 14.91
CA LYS A 280 -27.67 7.97 14.91
C LYS A 280 -27.50 6.92 13.84
N LYS A 281 -26.65 7.16 12.85
CA LYS A 281 -26.41 6.17 11.80
C LYS A 281 -25.24 5.25 12.10
N MET A 282 -24.52 5.50 13.18
CA MET A 282 -23.41 4.63 13.55
C MET A 282 -23.94 3.24 13.94
N PRO A 283 -23.27 2.18 13.50
CA PRO A 283 -23.71 0.81 13.86
C PRO A 283 -23.87 0.59 15.36
N GLU A 284 -23.03 1.23 16.16
CA GLU A 284 -23.11 1.06 17.62
C GLU A 284 -23.93 2.15 18.33
N HIS A 285 -24.80 2.83 17.61
CA HIS A 285 -25.52 3.94 18.26
C HIS A 285 -26.44 3.52 19.41
N SER A 286 -27.18 2.42 19.27
CA SER A 286 -28.03 1.99 20.38
CA SER A 286 -28.03 1.96 20.37
C SER A 286 -27.22 1.45 21.57
N THR A 287 -26.05 0.88 21.32
CA THR A 287 -25.15 0.49 22.42
C THR A 287 -24.70 1.74 23.21
N LEU A 288 -24.37 2.80 22.46
CA LEU A 288 -24.01 4.10 23.02
C LEU A 288 -25.14 4.64 23.90
N MET A 289 -26.38 4.60 23.39
CA MET A 289 -27.59 5.00 24.15
C MET A 289 -27.83 4.11 25.38
N LYS A 290 -27.63 2.80 25.22
CA LYS A 290 -27.67 1.88 26.35
C LYS A 290 -26.64 2.19 27.45
N ASP A 291 -25.39 2.49 27.08
CA ASP A 291 -24.31 2.57 28.06
C ASP A 291 -24.07 3.96 28.63
N PHE A 292 -24.51 5.01 27.92
CA PHE A 292 -24.14 6.37 28.28
C PHE A 292 -25.37 7.26 28.48
N ARG A 293 -25.21 8.32 29.24
CA ARG A 293 -26.20 9.40 29.37
C ARG A 293 -25.43 10.70 29.15
N ARG A 294 -25.86 11.48 28.16
CA ARG A 294 -25.15 12.72 27.83
C ARG A 294 -24.97 13.67 29.02
N ASN A 295 -25.95 13.73 29.92
CA ASN A 295 -25.84 14.54 31.15
C ASN A 295 -24.60 14.23 32.02
N THR A 296 -24.06 13.02 31.93
CA THR A 296 -22.85 12.68 32.73
C THR A 296 -21.70 13.66 32.39
N TYR A 297 -21.72 14.23 31.19
CA TYR A 297 -20.58 15.01 30.68
C TYR A 297 -20.86 16.50 30.53
N THR A 298 -21.89 17.01 31.20
CA THR A 298 -22.37 18.38 30.92
C THR A 298 -21.31 19.45 31.18
N ASN A 299 -20.41 19.23 32.12
CA ASN A 299 -19.36 20.22 32.34
C ASN A 299 -18.01 19.99 31.62
N CYS A 300 -17.98 19.11 30.62
CA CYS A 300 -16.73 18.75 29.96
C CYS A 300 -16.62 19.45 28.60
N SER A 301 -15.41 19.93 28.22
CA SER A 301 -15.21 20.49 26.87
C SER A 301 -13.73 20.58 26.61
N LEU A 302 -13.36 20.67 25.34
CA LEU A 302 -11.95 20.80 24.98
C LEU A 302 -11.37 22.07 25.55
N ILE A 303 -12.16 23.15 25.58
CA ILE A 303 -11.75 24.40 26.25
C ILE A 303 -11.28 24.14 27.69
N LYS A 304 -12.13 23.51 28.50
CA LYS A 304 -11.80 23.32 29.92
C LYS A 304 -10.57 22.41 30.11
N TYR A 305 -10.51 21.34 29.31
CA TYR A 305 -9.37 20.43 29.34
C TYR A 305 -8.08 21.17 29.03
N MET A 306 -8.01 21.83 27.87
CA MET A 306 -6.77 22.49 27.45
C MET A 306 -6.36 23.64 28.36
N GLU A 307 -7.35 24.33 28.93
CA GLU A 307 -7.14 25.43 29.88
C GLU A 307 -6.36 24.93 31.08
N LYS A 308 -6.74 23.77 31.59
CA LYS A 308 -6.01 23.14 32.71
C LYS A 308 -4.56 22.84 32.34
N HIS A 309 -4.29 22.59 31.07
CA HIS A 309 -2.93 22.29 30.65
C HIS A 309 -2.21 23.47 30.04
N LYS A 310 -2.61 24.68 30.45
CA LYS A 310 -1.92 25.93 30.08
C LYS A 310 -1.87 26.18 28.58
N VAL A 311 -2.90 25.73 27.86
CA VAL A 311 -3.08 26.17 26.49
C VAL A 311 -4.29 27.10 26.50
N LYS A 312 -4.05 28.35 26.09
CA LYS A 312 -5.11 29.36 26.14
C LYS A 312 -6.12 29.14 25.03
N PRO A 313 -7.41 29.18 25.38
CA PRO A 313 -8.46 28.91 24.40
C PRO A 313 -8.68 30.02 23.38
N ASP A 314 -8.06 31.18 23.57
CA ASP A 314 -8.14 32.19 22.53
C ASP A 314 -6.92 32.12 21.61
N SER A 315 -6.01 31.16 21.86
CA SER A 315 -4.79 31.04 21.02
C SER A 315 -5.16 30.53 19.63
N LYS A 316 -4.37 30.90 18.62
CA LYS A 316 -4.54 30.30 17.29
C LYS A 316 -4.31 28.76 17.35
N ALA A 317 -3.37 28.32 18.20
CA ALA A 317 -3.08 26.90 18.36
C ALA A 317 -4.35 26.18 18.82
N PHE A 318 -5.05 26.74 19.79
CA PHE A 318 -6.24 26.07 20.30
C PHE A 318 -7.33 25.97 19.25
N HIS A 319 -7.53 27.06 18.49
CA HIS A 319 -8.57 27.10 17.49
C HIS A 319 -8.31 26.12 16.37
N LEU A 320 -7.06 26.00 15.95
CA LEU A 320 -6.70 24.93 15.02
C LEU A 320 -6.93 23.54 15.61
N LEU A 321 -6.44 23.29 16.82
CA LEU A 321 -6.64 21.99 17.47
C LEU A 321 -8.11 21.58 17.47
N GLN A 322 -9.00 22.54 17.74
CA GLN A 322 -10.41 22.23 17.87
C GLN A 322 -11.02 21.79 16.53
N LYS A 323 -10.50 22.34 15.45
CA LYS A 323 -10.98 21.98 14.12
C LYS A 323 -10.49 20.57 13.71
N LEU A 324 -9.35 20.14 14.24
CA LEU A 324 -8.83 18.80 13.96
C LEU A 324 -9.60 17.80 14.81
N LEU A 325 -9.80 18.13 16.09
CA LEU A 325 -10.52 17.26 17.01
C LEU A 325 -12.01 17.64 17.04
N THR A 326 -12.65 17.48 15.89
CA THR A 326 -14.09 17.66 15.78
C THR A 326 -14.69 16.26 15.72
N MET A 327 -15.71 16.02 16.52
CA MET A 327 -16.27 14.67 16.64
C MET A 327 -16.90 14.14 15.35
N ASP A 328 -17.74 14.96 14.73
CA ASP A 328 -18.33 14.56 13.45
C ASP A 328 -17.27 14.62 12.36
N PRO A 329 -16.95 13.45 11.73
CA PRO A 329 -15.91 13.47 10.71
C PRO A 329 -16.19 14.42 9.55
N ILE A 330 -17.45 14.68 9.23
CA ILE A 330 -17.69 15.54 8.09
C ILE A 330 -17.48 17.02 8.45
N LYS A 331 -17.38 17.32 9.74
CA LYS A 331 -17.12 18.69 10.18
C LYS A 331 -15.65 18.92 10.56
N ARG A 332 -14.84 17.89 10.34
CA ARG A 332 -13.42 17.94 10.61
C ARG A 332 -12.68 18.65 9.46
N ILE A 333 -11.78 19.55 9.79
CA ILE A 333 -10.93 20.25 8.81
C ILE A 333 -10.10 19.25 7.95
N THR A 334 -9.81 19.59 6.69
CA THR A 334 -8.84 18.75 5.90
C THR A 334 -7.37 19.16 6.13
N SER A 335 -6.42 18.31 5.72
CA SER A 335 -4.98 18.65 5.82
C SER A 335 -4.62 19.95 5.10
N GLU A 336 -5.10 20.14 3.88
CA GLU A 336 -4.75 21.36 3.14
C GLU A 336 -5.31 22.63 3.81
N GLN A 337 -6.49 22.54 4.39
CA GLN A 337 -7.10 23.71 5.05
C GLN A 337 -6.34 23.97 6.37
N ALA A 338 -5.92 22.90 7.03
CA ALA A 338 -5.14 23.02 8.24
C ALA A 338 -3.82 23.73 7.94
N MET A 339 -3.16 23.36 6.83
CA MET A 339 -1.90 24.03 6.47
C MET A 339 -2.07 25.52 6.16
N GLN A 340 -3.29 25.89 5.73
CA GLN A 340 -3.61 27.29 5.39
C GLN A 340 -4.02 28.09 6.64
N ASP A 341 -4.08 27.42 7.79
CA ASP A 341 -4.53 28.07 9.03
C ASP A 341 -3.59 29.23 9.46
N PRO A 342 -4.16 30.33 9.96
CA PRO A 342 -3.35 31.49 10.36
C PRO A 342 -2.39 31.20 11.53
N TYR A 343 -2.65 30.14 12.29
CA TYR A 343 -1.65 29.62 13.25
C TYR A 343 -0.27 29.53 12.60
N PHE A 344 -0.22 29.10 11.34
CA PHE A 344 1.07 28.95 10.66
C PHE A 344 1.66 30.26 10.13
N LEU A 345 0.86 31.33 10.17
CA LEU A 345 1.36 32.65 9.77
C LEU A 345 1.75 33.49 10.98
N GLU A 346 1.28 33.12 12.15
CA GLU A 346 1.65 33.82 13.41
C GLU A 346 3.11 33.55 13.81
N ASP A 347 3.78 34.55 14.39
CA ASP A 347 5.19 34.39 14.88
C ASP A 347 5.24 33.25 15.92
N PRO A 348 6.20 32.29 15.84
CA PRO A 348 7.22 32.02 14.83
C PRO A 348 6.68 31.17 13.69
N LEU A 349 7.17 31.40 12.47
CA LEU A 349 6.84 30.57 11.34
C LEU A 349 7.39 29.16 11.52
N PRO A 350 6.75 28.15 10.91
CA PRO A 350 7.32 26.81 11.01
C PRO A 350 8.62 26.80 10.22
N THR A 351 9.60 26.01 10.66
CA THR A 351 10.91 25.94 10.02
C THR A 351 11.14 24.52 9.50
N SER A 352 11.96 24.35 8.47
CA SER A 352 12.17 23.03 7.87
C SER A 352 12.99 22.09 8.76
N ASP A 353 13.88 22.66 9.59
CA ASP A 353 14.48 21.92 10.68
C ASP A 353 13.63 22.25 11.90
N VAL A 354 12.90 21.27 12.42
CA VAL A 354 12.01 21.57 13.55
C VAL A 354 12.78 21.96 14.80
N PHE A 355 14.06 21.59 14.86
CA PHE A 355 14.90 22.00 16.02
C PHE A 355 15.48 23.42 15.82
N ALA A 356 15.04 24.11 14.76
CA ALA A 356 15.42 25.49 14.43
C ALA A 356 16.88 25.81 14.73
N GLY A 357 17.79 24.94 14.27
CA GLY A 357 19.24 25.17 14.40
C GLY A 357 19.80 25.12 15.81
N CYS A 358 18.96 24.84 16.80
CA CYS A 358 19.35 24.86 18.21
C CYS A 358 19.86 23.50 18.64
N GLN A 359 20.46 23.46 19.84
CA GLN A 359 20.94 22.23 20.45
C GLN A 359 19.77 21.24 20.66
N ILE A 360 19.97 19.99 20.24
CA ILE A 360 19.00 18.93 20.44
C ILE A 360 19.27 18.30 21.81
N PRO A 361 18.34 18.46 22.77
CA PRO A 361 18.58 17.86 24.11
C PRO A 361 18.21 16.37 24.23
N TYR A 362 17.56 15.83 23.20
CA TYR A 362 16.99 14.47 23.25
C TYR A 362 18.07 13.38 23.17
N PRO A 363 18.07 12.47 24.16
CA PRO A 363 19.04 11.39 24.10
C PRO A 363 18.88 10.56 22.82
N LYS A 364 19.98 10.05 22.31
CA LYS A 364 19.95 9.09 21.20
C LYS A 364 19.27 7.77 21.62
N ARG A 365 18.80 6.97 20.67
CA ARG A 365 18.15 5.68 21.01
C ARG A 365 19.16 4.75 21.65
N GLU A 366 18.72 3.98 22.64
CA GLU A 366 19.65 2.99 23.20
C GLU A 366 19.45 1.58 22.61
N PHE A 367 20.50 0.75 22.68
CA PHE A 367 20.43 -0.59 22.11
C PHE A 367 19.74 -1.58 23.01
N LEU A 368 18.94 -2.46 22.40
CA LEU A 368 18.10 -3.41 23.11
C LEU A 368 18.82 -4.75 23.15
N THR A 369 19.16 -5.18 24.37
CA THR A 369 20.06 -6.30 24.55
C THR A 369 19.36 -7.47 25.26
N GLU A 370 18.07 -7.30 25.55
CA GLU A 370 17.29 -8.34 26.22
C GLU A 370 17.00 -9.53 25.32
N GLU A 371 16.77 -10.68 25.94
CA GLU A 371 16.29 -11.84 25.26
C GLU A 371 14.79 -11.62 25.09
N GLU A 372 14.24 -12.02 23.95
CA GLU A 372 12.82 -11.76 23.64
C GLU A 372 11.89 -12.88 24.11
N ALA B 1 -0.70 5.29 -5.66
CA ALA B 1 -1.80 4.91 -6.62
C ALA B 1 -2.58 6.05 -7.34
N GLY B 2 -2.27 7.31 -7.05
CA GLY B 2 -3.02 8.40 -7.66
C GLY B 2 -2.36 9.05 -8.86
N ASN B 3 -1.10 8.73 -9.12
CA ASN B 3 -0.39 9.44 -10.20
C ASN B 3 0.50 8.55 -11.07
N PHE B 4 -0.05 8.16 -12.22
CA PHE B 4 0.63 7.24 -13.10
C PHE B 4 1.98 7.77 -13.57
N TRP B 5 2.08 9.06 -13.82
CA TRP B 5 3.32 9.59 -14.36
C TRP B 5 4.47 9.53 -13.40
N GLN B 6 4.20 9.36 -12.12
CA GLN B 6 5.28 9.22 -11.14
C GLN B 6 5.47 7.77 -10.69
N SER B 7 4.75 6.82 -11.31
CA SER B 7 4.66 5.44 -10.80
C SER B 7 5.83 4.56 -11.27
N SER B 8 6.11 3.50 -10.51
CA SER B 8 7.05 2.47 -11.00
C SER B 8 6.53 1.81 -12.29
N HIS B 9 5.22 1.64 -12.40
CA HIS B 9 4.64 1.11 -13.61
C HIS B 9 5.14 1.93 -14.81
N TYR B 10 4.92 3.24 -14.77
CA TYR B 10 5.33 4.12 -15.87
C TYR B 10 6.85 4.23 -16.04
N LEU B 11 7.57 4.43 -14.94
CA LEU B 11 9.00 4.68 -15.00
C LEU B 11 9.87 3.45 -15.24
N GLN B 12 9.38 2.25 -14.95
CA GLN B 12 10.18 1.02 -15.14
C GLN B 12 9.51 -0.03 -16.01
N TRP B 13 8.18 0.01 -16.16
CA TRP B 13 7.47 -1.09 -16.76
C TRP B 13 6.64 -0.75 -17.98
N ILE B 14 6.99 0.36 -18.63
CA ILE B 14 6.49 0.64 -19.96
C ILE B 14 7.72 0.43 -20.85
N LEU B 15 7.72 -0.67 -21.58
CA LEU B 15 8.91 -1.19 -22.22
C LEU B 15 8.92 -0.81 -23.69
N ASP B 16 10.11 -0.81 -24.27
CA ASP B 16 10.22 -0.61 -25.70
C ASP B 16 9.98 -1.93 -26.44
N LYS B 17 9.14 -1.88 -27.49
CA LYS B 17 8.80 -3.06 -28.30
C LYS B 17 10.01 -3.84 -28.86
N GLN B 18 11.00 -3.10 -29.36
CA GLN B 18 12.25 -3.70 -29.86
C GLN B 18 13.07 -4.42 -28.79
N ASP B 19 13.22 -3.81 -27.60
CA ASP B 19 13.90 -4.48 -26.48
C ASP B 19 13.15 -5.72 -26.06
N LEU B 20 11.82 -5.61 -25.97
CA LEU B 20 10.97 -6.75 -25.66
C LEU B 20 11.20 -7.91 -26.65
N LEU B 21 11.19 -7.60 -27.94
CA LEU B 21 11.40 -8.62 -28.97
C LEU B 21 12.84 -9.16 -28.88
N LYS B 22 13.79 -8.27 -28.62
CA LYS B 22 15.18 -8.69 -28.41
C LYS B 22 15.31 -9.70 -27.27
N GLU B 23 14.69 -9.44 -26.13
CA GLU B 23 14.74 -10.37 -25.00
C GLU B 23 14.14 -11.74 -25.30
N ARG B 24 13.08 -11.75 -26.09
CA ARG B 24 12.34 -12.99 -26.39
C ARG B 24 13.07 -13.98 -27.30
N GLN B 25 14.12 -13.50 -27.98
CA GLN B 25 14.88 -14.32 -28.93
C GLN B 25 15.40 -15.60 -28.34
N LYS B 26 15.85 -15.53 -27.09
CA LYS B 26 16.27 -16.71 -26.34
C LYS B 26 15.24 -17.86 -26.36
N ASP B 27 13.95 -17.51 -26.34
CA ASP B 27 12.89 -18.54 -26.30
C ASP B 27 12.39 -18.97 -27.68
N LEU B 28 12.66 -18.12 -28.67
CA LEU B 28 12.22 -18.30 -30.06
C LEU B 28 13.08 -19.24 -30.88
N LYS B 29 14.00 -19.96 -30.24
CA LYS B 29 14.74 -20.99 -30.96
C LYS B 29 13.89 -22.24 -30.98
N PHE B 30 12.94 -22.28 -30.06
CA PHE B 30 12.08 -23.43 -29.80
C PHE B 30 10.67 -23.19 -30.35
N LEU B 31 10.26 -21.93 -30.38
CA LEU B 31 8.90 -21.53 -30.73
C LEU B 31 8.92 -20.46 -31.82
N SER B 32 7.96 -20.50 -32.74
CA SER B 32 7.79 -19.36 -33.63
C SER B 32 7.20 -18.19 -32.82
N GLU B 33 7.31 -16.99 -33.36
CA GLU B 33 6.66 -15.80 -32.80
C GLU B 33 5.17 -16.06 -32.60
N GLU B 34 4.54 -16.72 -33.57
CA GLU B 34 3.12 -17.03 -33.52
C GLU B 34 2.80 -17.92 -32.31
N GLU B 35 3.60 -18.96 -32.12
CA GLU B 35 3.42 -19.90 -31.01
C GLU B 35 3.70 -19.26 -29.65
N TYR B 36 4.65 -18.31 -29.61
CA TYR B 36 4.95 -17.59 -28.38
C TYR B 36 3.71 -16.77 -27.93
N TRP B 37 3.05 -16.12 -28.89
CA TRP B 37 1.85 -15.31 -28.64
C TRP B 37 0.72 -16.21 -28.16
N LYS B 38 0.61 -17.40 -28.74
CA LYS B 38 -0.45 -18.34 -28.39
C LYS B 38 -0.29 -18.80 -26.95
N LEU B 39 0.96 -19.03 -26.58
CA LEU B 39 1.31 -19.47 -25.26
C LEU B 39 0.97 -18.38 -24.24
N GLN B 40 1.23 -17.14 -24.62
CA GLN B 40 0.89 -15.99 -23.74
C GLN B 40 -0.63 -15.89 -23.51
N ILE B 41 -1.41 -16.03 -24.57
CA ILE B 41 -2.89 -16.08 -24.49
C ILE B 41 -3.35 -17.24 -23.58
N PHE B 42 -2.78 -18.42 -23.81
CA PHE B 42 -3.09 -19.58 -23.02
C PHE B 42 -2.93 -19.30 -21.52
N PHE B 43 -1.77 -18.77 -21.14
CA PHE B 43 -1.53 -18.49 -19.74
C PHE B 43 -2.38 -17.35 -19.17
N THR B 44 -2.68 -16.36 -20.00
CA THR B 44 -3.69 -15.37 -19.63
C THR B 44 -5.03 -16.07 -19.31
N ASN B 45 -5.41 -17.06 -20.12
CA ASN B 45 -6.68 -17.76 -19.88
C ASN B 45 -6.63 -18.60 -18.61
N VAL B 46 -5.48 -19.22 -18.36
CA VAL B 46 -5.26 -19.97 -17.13
C VAL B 46 -5.45 -19.10 -15.88
N ILE B 47 -4.85 -17.92 -15.90
CA ILE B 47 -4.94 -16.98 -14.76
C ILE B 47 -6.39 -16.49 -14.57
N GLN B 48 -7.06 -16.21 -15.69
CA GLN B 48 -8.48 -15.80 -15.61
C GLN B 48 -9.34 -16.89 -14.96
N ALA B 49 -9.09 -18.14 -15.34
CA ALA B 49 -9.78 -19.30 -14.77
C ALA B 49 -9.45 -19.49 -13.29
N LEU B 50 -8.19 -19.31 -12.91
CA LEU B 50 -7.85 -19.40 -11.51
C LEU B 50 -8.58 -18.33 -10.70
N GLY B 51 -8.65 -17.11 -11.24
CA GLY B 51 -9.32 -16.00 -10.55
C GLY B 51 -10.81 -16.23 -10.42
N GLU B 52 -11.42 -16.78 -11.47
CA GLU B 52 -12.83 -17.13 -11.41
C GLU B 52 -13.13 -18.19 -10.34
N HIS B 53 -12.31 -19.24 -10.28
CA HIS B 53 -12.53 -20.29 -9.31
C HIS B 53 -12.42 -19.73 -7.91
N LEU B 54 -11.47 -18.82 -7.69
CA LEU B 54 -11.26 -18.25 -6.35
C LEU B 54 -12.20 -17.07 -6.07
N LYS B 55 -13.04 -16.75 -7.05
CA LYS B 55 -14.01 -15.67 -6.98
C LYS B 55 -13.37 -14.32 -6.76
N LEU B 56 -12.24 -14.06 -7.44
CA LEU B 56 -11.51 -12.79 -7.27
C LEU B 56 -12.03 -11.76 -8.24
N ARG B 57 -12.04 -10.50 -7.86
CA ARG B 57 -12.56 -9.49 -8.78
C ARG B 57 -11.54 -9.24 -9.93
N GLN B 58 -12.03 -8.66 -11.02
CA GLN B 58 -11.29 -8.53 -12.25
C GLN B 58 -9.95 -7.77 -12.06
N GLN B 59 -9.94 -6.75 -11.20
CA GLN B 59 -8.70 -6.02 -10.92
C GLN B 59 -7.57 -6.92 -10.36
N VAL B 60 -7.92 -7.87 -9.51
CA VAL B 60 -6.95 -8.86 -9.01
C VAL B 60 -6.44 -9.72 -10.16
N ILE B 61 -7.33 -10.21 -11.01
CA ILE B 61 -6.93 -11.08 -12.11
C ILE B 61 -5.98 -10.30 -13.04
N ALA B 62 -6.39 -9.06 -13.32
CA ALA B 62 -5.63 -8.16 -14.18
C ALA B 62 -4.24 -7.91 -13.61
N THR B 63 -4.15 -7.56 -12.32
CA THR B 63 -2.81 -7.43 -11.69
C THR B 63 -1.95 -8.69 -11.77
N ALA B 64 -2.51 -9.83 -11.43
CA ALA B 64 -1.81 -11.12 -11.60
C ALA B 64 -1.26 -11.33 -13.01
N THR B 65 -2.06 -10.94 -14.01
CA THR B 65 -1.71 -11.17 -15.41
C THR B 65 -0.52 -10.27 -15.79
N VAL B 66 -0.57 -9.04 -15.31
CA VAL B 66 0.51 -8.13 -15.56
C VAL B 66 1.81 -8.64 -14.91
N TYR B 67 1.75 -9.17 -13.70
CA TYR B 67 2.96 -9.74 -13.06
C TYR B 67 3.55 -10.86 -13.93
N PHE B 68 2.68 -11.76 -14.39
CA PHE B 68 3.08 -12.87 -15.28
C PHE B 68 3.74 -12.33 -16.54
N LYS B 69 3.11 -11.37 -17.21
CA LYS B 69 3.69 -10.82 -18.45
C LYS B 69 5.01 -10.10 -18.23
N ARG B 70 5.12 -9.35 -17.13
CA ARG B 70 6.34 -8.64 -16.78
C ARG B 70 7.45 -9.64 -16.53
N PHE B 71 7.11 -10.71 -15.83
CA PHE B 71 8.15 -11.68 -15.46
C PHE B 71 8.75 -12.26 -16.73
N TYR B 72 7.92 -12.76 -17.63
CA TYR B 72 8.47 -13.40 -18.83
C TYR B 72 8.89 -12.41 -19.91
N ALA B 73 8.60 -11.13 -19.69
CA ALA B 73 9.15 -10.10 -20.55
C ALA B 73 10.66 -9.96 -20.28
N ARG B 74 11.09 -10.23 -19.03
CA ARG B 74 12.51 -10.09 -18.69
C ARG B 74 13.20 -11.41 -18.74
N TYR B 75 12.52 -12.49 -18.34
CA TYR B 75 13.13 -13.79 -18.13
C TYR B 75 12.58 -14.83 -19.08
N SER B 76 13.38 -15.86 -19.32
CA SER B 76 13.00 -16.98 -20.17
C SER B 76 11.84 -17.79 -19.61
N LEU B 77 11.01 -18.28 -20.52
CA LEU B 77 10.02 -19.32 -20.18
C LEU B 77 10.59 -20.48 -19.38
N LYS B 78 11.89 -20.75 -19.51
CA LYS B 78 12.46 -21.91 -18.83
C LYS B 78 13.00 -21.52 -17.46
N SER B 79 13.03 -20.21 -17.15
CA SER B 79 13.61 -19.78 -15.85
C SER B 79 12.85 -20.34 -14.65
N ILE B 80 11.53 -20.11 -14.62
CA ILE B 80 10.64 -20.73 -13.65
C ILE B 80 9.46 -21.30 -14.44
N ASP B 81 9.05 -22.51 -14.11
CA ASP B 81 7.92 -23.13 -14.78
C ASP B 81 6.67 -22.20 -14.70
N PRO B 82 6.08 -21.82 -15.87
CA PRO B 82 4.91 -20.94 -15.87
C PRO B 82 3.67 -21.58 -15.24
N VAL B 83 3.67 -22.92 -15.16
CA VAL B 83 2.58 -23.64 -14.50
C VAL B 83 2.58 -23.31 -13.00
N LEU B 84 3.76 -23.11 -12.40
CA LEU B 84 3.82 -22.61 -11.02
C LEU B 84 3.66 -21.10 -10.97
N MET B 85 4.24 -20.40 -11.93
CA MET B 85 4.20 -18.94 -11.90
C MET B 85 2.77 -18.35 -11.95
N ALA B 86 1.90 -19.00 -12.71
CA ALA B 86 0.54 -18.46 -12.88
C ALA B 86 -0.22 -18.40 -11.54
N PRO B 87 -0.29 -19.53 -10.81
CA PRO B 87 -0.95 -19.43 -9.50
C PRO B 87 -0.18 -18.57 -8.50
N THR B 88 1.16 -18.52 -8.61
CA THR B 88 1.93 -17.67 -7.72
C THR B 88 1.54 -16.19 -7.93
N CYS B 89 1.38 -15.79 -9.19
CA CYS B 89 0.99 -14.42 -9.53
C CYS B 89 -0.38 -14.04 -8.95
N VAL B 90 -1.34 -14.97 -9.03
CA VAL B 90 -2.66 -14.80 -8.41
C VAL B 90 -2.54 -14.62 -6.88
N PHE B 91 -1.76 -15.49 -6.24
CA PHE B 91 -1.50 -15.45 -4.81
C PHE B 91 -0.95 -14.07 -4.36
N LEU B 92 0.10 -13.61 -5.01
CA LEU B 92 0.64 -12.29 -4.71
C LEU B 92 -0.35 -11.15 -5.00
N ALA B 93 -0.97 -11.17 -6.18
CA ALA B 93 -1.94 -10.12 -6.55
C ALA B 93 -3.09 -9.98 -5.56
N SER B 94 -3.55 -11.12 -5.03
CA SER B 94 -4.61 -11.11 -4.02
C SER B 94 -4.20 -10.34 -2.78
N LYS B 95 -2.96 -10.51 -2.33
CA LYS B 95 -2.42 -9.70 -1.21
C LYS B 95 -2.35 -8.21 -1.56
N VAL B 96 -1.75 -7.91 -2.71
CA VAL B 96 -1.51 -6.52 -3.15
C VAL B 96 -2.81 -5.71 -3.30
N GLU B 97 -3.80 -6.34 -3.95
CA GLU B 97 -5.13 -5.80 -4.15
C GLU B 97 -6.06 -5.92 -2.92
N GLU B 98 -5.53 -6.35 -1.78
CA GLU B 98 -6.24 -6.29 -0.47
C GLU B 98 -7.41 -7.27 -0.31
N PHE B 99 -7.44 -8.32 -1.15
CA PHE B 99 -8.38 -9.42 -0.96
C PHE B 99 -7.94 -10.19 0.28
N GLY B 100 -6.62 -10.40 0.42
CA GLY B 100 -6.08 -11.14 1.55
C GLY B 100 -5.18 -12.25 1.07
N VAL B 101 -4.78 -13.10 2.01
CA VAL B 101 -3.96 -14.26 1.69
C VAL B 101 -4.83 -15.50 1.50
N VAL B 102 -4.81 -16.03 0.28
CA VAL B 102 -5.62 -17.22 -0.07
C VAL B 102 -5.11 -18.37 0.78
N SER B 103 -6.00 -19.14 1.40
CA SER B 103 -5.56 -20.28 2.24
C SER B 103 -4.83 -21.33 1.42
N ASN B 104 -3.95 -22.07 2.08
CA ASN B 104 -3.24 -23.18 1.47
C ASN B 104 -4.18 -24.11 0.70
N THR B 105 -5.25 -24.56 1.35
CA THR B 105 -6.13 -25.52 0.71
C THR B 105 -6.86 -24.90 -0.48
N ARG B 106 -7.37 -23.67 -0.34
CA ARG B 106 -8.06 -23.00 -1.46
C ARG B 106 -7.18 -22.77 -2.69
N LEU B 107 -5.93 -22.34 -2.46
CA LEU B 107 -5.01 -22.09 -3.58
C LEU B 107 -4.68 -23.37 -4.36
N ILE B 108 -4.20 -24.38 -3.65
CA ILE B 108 -3.84 -25.65 -4.30
C ILE B 108 -5.07 -26.33 -4.93
N ALA B 109 -6.20 -26.28 -4.24
CA ALA B 109 -7.45 -26.81 -4.81
C ALA B 109 -7.84 -26.07 -6.10
N ALA B 110 -7.70 -24.74 -6.10
CA ALA B 110 -7.97 -23.98 -7.32
C ALA B 110 -7.07 -24.38 -8.47
N ALA B 111 -5.76 -24.37 -8.24
CA ALA B 111 -4.83 -24.76 -9.30
C ALA B 111 -5.11 -26.21 -9.81
N THR B 112 -5.36 -27.12 -8.87
CA THR B 112 -5.59 -28.54 -9.21
C THR B 112 -6.85 -28.72 -10.04
N SER B 113 -7.96 -28.19 -9.52
CA SER B 113 -9.24 -28.34 -10.16
C SER B 113 -9.32 -27.62 -11.52
N VAL B 114 -8.81 -26.39 -11.58
CA VAL B 114 -8.81 -25.61 -12.82
C VAL B 114 -8.05 -26.32 -13.95
N LEU B 115 -6.86 -26.82 -13.67
CA LEU B 115 -6.10 -27.49 -14.73
C LEU B 115 -6.77 -28.81 -15.15
N LYS B 116 -7.31 -29.52 -14.17
CA LYS B 116 -8.01 -30.78 -14.39
C LYS B 116 -9.32 -30.59 -15.17
N THR B 117 -10.17 -29.66 -14.74
CA THR B 117 -11.49 -29.45 -15.35
C THR B 117 -11.38 -28.77 -16.70
N ARG B 118 -10.69 -27.64 -16.73
CA ARG B 118 -10.79 -26.70 -17.84
C ARG B 118 -9.59 -26.81 -18.80
N PHE B 119 -8.49 -27.41 -18.37
CA PHE B 119 -7.31 -27.41 -19.23
C PHE B 119 -6.70 -28.80 -19.44
N SER B 120 -7.53 -29.83 -19.33
CA SER B 120 -7.04 -31.20 -19.39
C SER B 120 -6.42 -31.58 -20.74
N TYR B 121 -6.84 -30.92 -21.81
CA TYR B 121 -6.20 -31.09 -23.13
C TYR B 121 -4.71 -30.72 -23.14
N ALA B 122 -4.32 -29.79 -22.26
CA ALA B 122 -2.91 -29.38 -22.16
C ALA B 122 -2.20 -30.04 -20.98
N PHE B 123 -2.96 -30.41 -19.96
CA PHE B 123 -2.38 -30.99 -18.75
C PHE B 123 -2.94 -32.36 -18.39
N PRO B 124 -2.31 -33.41 -18.92
CA PRO B 124 -2.71 -34.79 -18.63
C PRO B 124 -2.50 -35.18 -17.16
N LYS B 125 -1.42 -34.69 -16.54
CA LYS B 125 -1.16 -34.98 -15.11
C LYS B 125 -1.65 -33.86 -14.23
N GLU B 126 -2.04 -34.19 -13.01
CA GLU B 126 -2.49 -33.22 -12.04
C GLU B 126 -1.43 -32.16 -11.73
N PHE B 127 -1.89 -30.97 -11.35
CA PHE B 127 -1.00 -29.92 -10.84
C PHE B 127 0.01 -30.54 -9.86
N PRO B 128 1.31 -30.40 -10.14
CA PRO B 128 2.30 -31.14 -9.38
C PRO B 128 2.98 -30.38 -8.23
N TYR B 129 2.59 -29.13 -7.98
CA TYR B 129 3.24 -28.36 -6.92
C TYR B 129 2.42 -28.24 -5.63
N ARG B 130 3.12 -28.07 -4.52
CA ARG B 130 2.47 -27.86 -3.24
C ARG B 130 2.70 -26.42 -2.77
N MET B 131 2.07 -26.05 -1.66
CA MET B 131 2.12 -24.68 -1.16
C MET B 131 3.54 -24.14 -0.92
N ASN B 132 4.45 -24.99 -0.43
CA ASN B 132 5.86 -24.62 -0.27
C ASN B 132 6.52 -24.12 -1.57
N HIS B 133 6.10 -24.67 -2.70
CA HIS B 133 6.60 -24.22 -3.99
C HIS B 133 6.07 -22.86 -4.33
N ILE B 134 4.78 -22.64 -4.11
CA ILE B 134 4.18 -21.30 -4.31
C ILE B 134 4.91 -20.25 -3.49
N LEU B 135 5.14 -20.54 -2.21
CA LEU B 135 5.79 -19.58 -1.30
C LEU B 135 7.21 -19.27 -1.74
N GLU B 136 7.92 -20.29 -2.20
CA GLU B 136 9.25 -20.11 -2.70
C GLU B 136 9.27 -19.27 -3.99
N CYS B 137 8.40 -19.61 -4.93
CA CYS B 137 8.23 -18.84 -6.17
C CYS B 137 7.77 -17.38 -5.88
N GLU B 138 6.96 -17.18 -4.85
CA GLU B 138 6.53 -15.82 -4.47
C GLU B 138 7.69 -14.87 -4.14
N PHE B 139 8.59 -15.31 -3.26
CA PHE B 139 9.83 -14.60 -2.97
C PHE B 139 10.63 -14.26 -4.23
N TYR B 140 10.85 -15.24 -5.10
CA TYR B 140 11.50 -14.99 -6.38
C TYR B 140 10.74 -13.97 -7.23
N LEU B 141 9.43 -14.17 -7.35
CA LEU B 141 8.62 -13.21 -8.13
C LEU B 141 8.76 -11.77 -7.61
N LEU B 142 8.68 -11.60 -6.29
CA LEU B 142 8.78 -10.30 -5.67
C LEU B 142 10.13 -9.66 -6.03
N GLU B 143 11.24 -10.35 -5.77
CA GLU B 143 12.55 -9.74 -6.03
C GLU B 143 12.79 -9.51 -7.51
N LEU B 144 12.32 -10.43 -8.35
CA LEU B 144 12.62 -10.34 -9.78
C LEU B 144 11.80 -9.24 -10.46
N MET B 145 10.74 -8.75 -9.82
CA MET B 145 9.99 -7.60 -10.35
C MET B 145 10.48 -6.33 -9.69
N ASP B 146 11.65 -6.41 -9.04
CA ASP B 146 12.24 -5.24 -8.36
C ASP B 146 11.23 -4.66 -7.35
N CYS B 147 10.45 -5.53 -6.72
CA CYS B 147 9.44 -5.10 -5.74
C CYS B 147 8.36 -4.09 -6.22
N CYS B 148 8.12 -4.06 -7.53
CA CYS B 148 7.05 -3.24 -8.13
C CYS B 148 5.72 -4.00 -8.05
N LEU B 149 4.80 -3.45 -7.26
CA LEU B 149 3.56 -4.16 -6.96
C LEU B 149 2.29 -3.45 -7.39
N ILE B 150 2.26 -2.11 -7.34
CA ILE B 150 1.10 -1.30 -7.72
C ILE B 150 1.00 -1.21 -9.25
N VAL B 151 -0.08 -1.70 -9.83
CA VAL B 151 -0.23 -1.76 -11.29
C VAL B 151 -1.45 -0.93 -11.68
N TYR B 152 -1.32 -0.10 -12.71
CA TYR B 152 -2.46 0.69 -13.18
C TYR B 152 -3.15 -0.04 -14.31
N HIS B 153 -4.48 -0.07 -14.33
CA HIS B 153 -5.22 -0.77 -15.39
C HIS B 153 -6.13 0.17 -16.16
N PRO B 154 -6.63 -0.26 -17.35
CA PRO B 154 -7.48 0.65 -18.13
C PRO B 154 -8.93 0.80 -17.60
N TYR B 155 -9.36 -0.06 -16.67
CA TYR B 155 -10.76 -0.01 -16.20
C TYR B 155 -11.19 1.32 -15.55
N ARG B 156 -10.39 1.85 -14.63
CA ARG B 156 -10.70 3.15 -14.02
C ARG B 156 -10.78 4.29 -15.04
N PRO B 157 -9.73 4.50 -15.85
CA PRO B 157 -9.95 5.58 -16.82
C PRO B 157 -11.08 5.32 -17.81
N LEU B 158 -11.35 4.04 -18.14
CA LEU B 158 -12.46 3.74 -19.07
C LEU B 158 -13.77 4.26 -18.53
N LEU B 159 -14.04 3.94 -17.27
CA LEU B 159 -15.24 4.38 -16.60
C LEU B 159 -15.39 5.91 -16.61
N GLN B 160 -14.31 6.61 -16.28
CA GLN B 160 -14.30 8.09 -16.30
C GLN B 160 -14.62 8.61 -17.70
N TYR B 161 -14.03 7.99 -18.72
CA TYR B 161 -14.27 8.41 -20.10
C TYR B 161 -15.72 8.24 -20.49
N VAL B 162 -16.29 7.04 -20.30
CA VAL B 162 -17.72 6.82 -20.65
C VAL B 162 -18.64 7.77 -19.92
N GLN B 163 -18.31 8.07 -18.68
CA GLN B 163 -19.08 9.01 -17.89
C GLN B 163 -19.00 10.43 -18.45
N ASP B 164 -17.82 10.81 -18.92
CA ASP B 164 -17.60 12.11 -19.53
C ASP B 164 -18.39 12.24 -20.83
N MET B 165 -18.46 11.15 -21.58
CA MET B 165 -19.27 11.06 -22.79
C MET B 165 -20.76 11.13 -22.47
N GLY B 166 -21.14 10.74 -21.26
CA GLY B 166 -22.54 10.56 -20.88
C GLY B 166 -23.17 9.33 -21.52
N GLN B 167 -22.35 8.30 -21.76
CA GLN B 167 -22.79 7.09 -22.47
C GLN B 167 -22.48 5.78 -21.73
N GLU B 168 -22.39 5.87 -20.40
CA GLU B 168 -22.07 4.74 -19.53
C GLU B 168 -22.90 3.48 -19.85
N ASP B 169 -24.23 3.58 -19.80
CA ASP B 169 -25.10 2.40 -20.00
C ASP B 169 -24.92 1.78 -21.39
N MET B 170 -24.79 2.64 -22.40
CA MET B 170 -24.63 2.20 -23.79
C MET B 170 -23.28 1.52 -24.11
N LEU B 171 -22.17 2.14 -23.72
CA LEU B 171 -20.87 1.70 -24.20
C LEU B 171 -20.04 0.86 -23.24
N LEU B 172 -20.28 1.02 -21.95
CA LEU B 172 -19.41 0.41 -20.94
C LEU B 172 -19.27 -1.11 -21.05
N PRO B 173 -20.40 -1.87 -21.10
CA PRO B 173 -20.19 -3.33 -21.08
C PRO B 173 -19.32 -3.84 -22.24
N LEU B 174 -19.55 -3.37 -23.47
CA LEU B 174 -18.67 -3.79 -24.56
C LEU B 174 -17.22 -3.32 -24.35
N ALA B 175 -17.04 -2.04 -24.02
CA ALA B 175 -15.70 -1.48 -23.92
C ALA B 175 -14.92 -2.23 -22.84
N TRP B 176 -15.59 -2.54 -21.73
CA TRP B 176 -15.00 -3.26 -20.61
C TRP B 176 -14.54 -4.64 -21.04
N ARG B 177 -15.38 -5.33 -21.80
CA ARG B 177 -15.05 -6.66 -22.28
C ARG B 177 -13.86 -6.60 -23.24
N ILE B 178 -13.77 -5.53 -24.04
CA ILE B 178 -12.61 -5.35 -24.91
C ILE B 178 -11.33 -5.13 -24.06
N VAL B 179 -11.43 -4.32 -23.02
CA VAL B 179 -10.29 -4.18 -22.09
C VAL B 179 -9.83 -5.56 -21.58
N ASN B 180 -10.77 -6.41 -21.15
CA ASN B 180 -10.38 -7.77 -20.69
C ASN B 180 -9.57 -8.48 -21.80
N ASP B 181 -10.07 -8.38 -23.03
CA ASP B 181 -9.46 -9.02 -24.16
C ASP B 181 -8.04 -8.49 -24.44
N THR B 182 -7.78 -7.22 -24.12
CA THR B 182 -6.41 -6.71 -24.35
C THR B 182 -5.33 -7.44 -23.52
N TYR B 183 -5.75 -8.14 -22.46
CA TYR B 183 -4.78 -8.89 -21.69
C TYR B 183 -4.27 -10.14 -22.45
N ARG B 184 -4.85 -10.38 -23.63
CA ARG B 184 -4.36 -11.43 -24.52
C ARG B 184 -3.13 -10.96 -25.32
N THR B 185 -2.73 -9.69 -25.15
CA THR B 185 -1.62 -9.10 -25.91
C THR B 185 -0.61 -8.51 -24.94
N ASP B 186 0.44 -7.90 -25.50
CA ASP B 186 1.51 -7.19 -24.80
C ASP B 186 1.19 -5.75 -24.46
N LEU B 187 -0.01 -5.30 -24.77
CA LEU B 187 -0.32 -3.87 -24.66
C LEU B 187 -0.04 -3.31 -23.26
N CYS B 188 -0.34 -4.09 -22.22
CA CYS B 188 -0.10 -3.63 -20.82
C CYS B 188 1.39 -3.35 -20.53
N LEU B 189 2.27 -3.91 -21.35
CA LEU B 189 3.70 -3.65 -21.21
C LEU B 189 4.18 -2.46 -22.04
N LEU B 190 3.34 -1.98 -22.94
CA LEU B 190 3.76 -1.05 -23.98
C LEU B 190 3.14 0.33 -23.90
N TYR B 191 1.94 0.45 -23.34
CA TYR B 191 1.22 1.73 -23.36
C TYR B 191 0.59 2.10 -22.00
N PRO B 192 0.54 3.41 -21.67
CA PRO B 192 -0.21 3.85 -20.49
C PRO B 192 -1.66 3.35 -20.53
N PRO B 193 -2.21 2.97 -19.37
CA PRO B 193 -3.55 2.37 -19.35
C PRO B 193 -4.68 3.28 -19.86
N PHE B 194 -4.58 4.59 -19.69
CA PHE B 194 -5.63 5.46 -20.24
C PHE B 194 -5.70 5.38 -21.79
N MET B 195 -4.56 5.20 -22.43
CA MET B 195 -4.53 5.03 -23.89
C MET B 195 -5.18 3.72 -24.32
N ILE B 196 -4.95 2.66 -23.55
CA ILE B 196 -5.58 1.36 -23.80
C ILE B 196 -7.08 1.54 -23.69
N ALA B 197 -7.51 2.22 -22.62
CA ALA B 197 -8.92 2.49 -22.40
C ALA B 197 -9.57 3.21 -23.61
N LEU B 198 -8.90 4.25 -24.11
CA LEU B 198 -9.45 5.03 -25.25
C LEU B 198 -9.59 4.20 -26.51
N ALA B 199 -8.57 3.39 -26.79
CA ALA B 199 -8.59 2.46 -27.89
C ALA B 199 -9.77 1.50 -27.79
N CYS B 200 -9.99 0.97 -26.59
CA CYS B 200 -11.08 0.01 -26.35
C CYS B 200 -12.45 0.67 -26.56
N LEU B 201 -12.55 1.90 -26.07
CA LEU B 201 -13.75 2.70 -26.24
C LEU B 201 -14.01 2.96 -27.71
N HIS B 202 -12.94 3.30 -28.43
CA HIS B 202 -13.03 3.47 -29.86
C HIS B 202 -13.53 2.24 -30.58
N VAL B 203 -12.93 1.08 -30.32
CA VAL B 203 -13.38 -0.15 -31.00
C VAL B 203 -14.85 -0.43 -30.66
N ALA B 204 -15.22 -0.22 -29.39
CA ALA B 204 -16.62 -0.40 -28.98
C ALA B 204 -17.56 0.55 -29.73
N CYS B 205 -17.12 1.79 -29.94
CA CYS B 205 -17.91 2.76 -30.74
C CYS B 205 -18.06 2.30 -32.18
N VAL B 206 -17.00 1.71 -32.73
CA VAL B 206 -17.03 1.18 -34.10
C VAL B 206 -18.00 0.02 -34.15
N VAL B 207 -17.84 -0.96 -33.27
CA VAL B 207 -18.72 -2.11 -33.23
C VAL B 207 -20.20 -1.69 -33.08
N GLN B 208 -20.50 -0.72 -32.22
CA GLN B 208 -21.90 -0.33 -32.00
C GLN B 208 -22.41 0.75 -32.95
N GLN B 209 -21.62 1.07 -33.97
CA GLN B 209 -21.93 2.13 -34.94
C GLN B 209 -22.33 3.43 -34.27
N LYS B 210 -21.58 3.77 -33.23
CA LYS B 210 -21.77 4.99 -32.50
C LYS B 210 -20.74 5.99 -32.98
N ASP B 211 -21.22 7.11 -33.49
CA ASP B 211 -20.34 8.19 -33.88
C ASP B 211 -20.02 9.02 -32.65
N ALA B 212 -18.72 9.19 -32.40
CA ALA B 212 -18.24 9.92 -31.24
C ALA B 212 -16.97 10.65 -31.65
N ARG B 213 -16.89 10.96 -32.94
CA ARG B 213 -15.67 11.54 -33.54
C ARG B 213 -15.35 12.88 -32.91
N GLN B 214 -16.41 13.62 -32.59
CA GLN B 214 -16.33 14.92 -31.94
C GLN B 214 -15.62 14.82 -30.60
N TRP B 215 -16.14 13.94 -29.75
CA TRP B 215 -15.65 13.77 -28.40
C TRP B 215 -14.20 13.33 -28.40
N PHE B 216 -13.86 12.37 -29.26
CA PHE B 216 -12.45 11.96 -29.44
C PHE B 216 -11.57 13.09 -29.99
N ALA B 217 -12.13 13.92 -30.87
CA ALA B 217 -11.40 15.07 -31.39
C ALA B 217 -11.05 16.09 -30.29
N GLU B 218 -11.94 16.25 -29.31
CA GLU B 218 -11.71 17.19 -28.21
C GLU B 218 -10.69 16.78 -27.13
N LEU B 219 -10.14 15.56 -27.25
CA LEU B 219 -9.12 15.09 -26.32
C LEU B 219 -7.74 15.53 -26.77
N SER B 220 -6.91 15.94 -25.83
CA SER B 220 -5.52 16.20 -26.16
C SER B 220 -4.69 14.95 -25.81
N VAL B 221 -4.59 14.05 -26.78
CA VAL B 221 -3.85 12.82 -26.60
C VAL B 221 -3.15 12.54 -27.92
N ASP B 222 -2.08 11.76 -27.88
CA ASP B 222 -1.43 11.36 -29.13
C ASP B 222 -2.32 10.37 -29.89
N MET B 223 -3.10 10.87 -30.84
CA MET B 223 -4.02 10.01 -31.61
C MET B 223 -3.30 8.92 -32.42
N GLU B 224 -2.05 9.16 -32.76
CA GLU B 224 -1.26 8.20 -33.51
C GLU B 224 -0.95 6.97 -32.64
N LYS B 225 -0.70 7.19 -31.35
CA LYS B 225 -0.48 6.07 -30.44
C LYS B 225 -1.77 5.29 -30.21
N ILE B 226 -2.88 6.02 -30.09
CA ILE B 226 -4.19 5.37 -29.95
C ILE B 226 -4.48 4.48 -31.16
N LEU B 227 -4.25 5.01 -32.37
CA LEU B 227 -4.48 4.25 -33.59
C LEU B 227 -3.62 2.98 -33.61
N GLU B 228 -2.39 3.07 -33.10
CA GLU B 228 -1.52 1.89 -33.01
C GLU B 228 -2.17 0.82 -32.15
N ILE B 229 -2.74 1.23 -31.03
CA ILE B 229 -3.38 0.29 -30.09
C ILE B 229 -4.64 -0.31 -30.72
N ILE B 230 -5.46 0.53 -31.36
CA ILE B 230 -6.63 0.07 -32.11
C ILE B 230 -6.25 -1.02 -33.13
N ARG B 231 -5.13 -0.84 -33.83
CA ARG B 231 -4.70 -1.86 -34.79
C ARG B 231 -4.34 -3.18 -34.12
N VAL B 232 -3.74 -3.09 -32.93
CA VAL B 232 -3.44 -4.30 -32.17
C VAL B 232 -4.73 -5.00 -31.75
N ILE B 233 -5.72 -4.23 -31.31
CA ILE B 233 -7.03 -4.81 -30.90
C ILE B 233 -7.70 -5.51 -32.06
N LEU B 234 -7.87 -4.82 -33.18
CA LEU B 234 -8.46 -5.44 -34.37
C LEU B 234 -7.73 -6.71 -34.73
N LYS B 235 -6.41 -6.65 -34.71
CA LYS B 235 -5.60 -7.82 -34.99
C LYS B 235 -5.79 -8.99 -34.01
N LEU B 236 -5.93 -8.71 -32.71
CA LEU B 236 -6.16 -9.80 -31.71
C LEU B 236 -7.47 -10.58 -31.99
N TYR B 237 -8.50 -9.90 -32.49
CA TYR B 237 -9.75 -10.61 -32.87
C TYR B 237 -9.60 -11.49 -34.13
N GLU B 238 -8.71 -11.10 -35.06
CA GLU B 238 -8.38 -12.01 -36.18
C GLU B 238 -7.60 -13.24 -35.71
N GLN B 239 -6.61 -13.02 -34.84
CA GLN B 239 -5.88 -14.14 -34.23
C GLN B 239 -6.79 -15.09 -33.44
N TRP B 240 -7.68 -14.50 -32.66
CA TRP B 240 -8.70 -15.26 -31.92
C TRP B 240 -9.42 -16.24 -32.84
N LYS B 241 -9.96 -15.71 -33.93
CA LYS B 241 -10.68 -16.54 -34.94
C LYS B 241 -9.86 -17.74 -35.40
N ASN B 242 -8.58 -17.48 -35.68
CA ASN B 242 -7.68 -18.47 -36.28
C ASN B 242 -7.01 -19.41 -35.31
N PHE B 243 -7.11 -19.10 -34.03
CA PHE B 243 -6.43 -19.86 -33.00
C PHE B 243 -7.43 -20.84 -32.37
N ASP B 244 -7.09 -22.12 -32.36
CA ASP B 244 -7.84 -23.04 -31.52
C ASP B 244 -6.96 -23.55 -30.40
N GLU B 245 -7.06 -22.94 -29.23
CA GLU B 245 -6.12 -23.28 -28.15
C GLU B 245 -6.25 -24.72 -27.73
N ARG B 246 -7.47 -25.28 -27.82
CA ARG B 246 -7.66 -26.65 -27.35
C ARG B 246 -6.99 -27.65 -28.29
N LYS B 247 -6.97 -27.33 -29.58
CA LYS B 247 -6.35 -28.23 -30.54
C LYS B 247 -4.83 -28.06 -30.59
N GLU B 248 -4.33 -26.89 -30.19
CA GLU B 248 -2.94 -26.53 -30.51
C GLU B 248 -2.02 -26.56 -29.29
N MET B 249 -2.56 -26.36 -28.08
CA MET B 249 -1.70 -26.04 -26.94
C MET B 249 -0.78 -27.14 -26.45
N ALA B 250 -1.20 -28.41 -26.57
CA ALA B 250 -0.34 -29.52 -26.13
C ALA B 250 0.98 -29.51 -26.89
N THR B 251 0.92 -29.38 -28.20
CA THR B 251 2.13 -29.31 -29.03
C THR B 251 3.00 -28.08 -28.74
N ILE B 252 2.35 -26.94 -28.57
CA ILE B 252 3.05 -25.72 -28.27
C ILE B 252 3.78 -25.85 -26.92
N LEU B 253 3.10 -26.37 -25.90
CA LEU B 253 3.74 -26.59 -24.60
C LEU B 253 4.96 -27.51 -24.63
N SER B 254 4.89 -28.59 -25.43
CA SER B 254 6.03 -29.50 -25.58
C SER B 254 7.24 -28.84 -26.27
N LYS B 255 7.00 -27.79 -27.05
CA LYS B 255 8.10 -27.03 -27.68
C LYS B 255 8.73 -25.97 -26.77
N MET B 256 8.03 -25.62 -25.70
CA MET B 256 8.48 -24.62 -24.76
C MET B 256 9.77 -25.10 -24.07
N PRO B 257 10.82 -24.25 -24.00
CA PRO B 257 12.03 -24.64 -23.26
C PRO B 257 11.70 -25.00 -21.81
N LYS B 258 12.27 -26.09 -21.30
CA LYS B 258 12.06 -26.49 -19.90
C LYS B 258 13.30 -26.21 -19.03
N PRO B 259 13.08 -26.00 -17.73
CA PRO B 259 14.21 -25.63 -16.89
C PRO B 259 15.26 -26.74 -16.90
N LYS B 260 16.53 -26.43 -17.18
CA LYS B 260 17.62 -27.40 -16.99
C LYS B 260 17.71 -27.93 -15.55
N PRO B 261 17.78 -29.26 -15.37
CA PRO B 261 17.83 -29.79 -14.01
C PRO B 261 19.20 -29.55 -13.37
N PRO B 262 19.32 -29.72 -12.04
CA PRO B 262 20.65 -29.56 -11.42
C PRO B 262 21.54 -30.75 -11.78
N PRO B 263 22.86 -30.55 -11.92
CA PRO B 263 23.70 -31.64 -12.43
C PRO B 263 24.18 -32.55 -11.30
#